data_4OPN
#
_entry.id   4OPN
#
_cell.length_a   41.559
_cell.length_b   65.084
_cell.length_c   64.885
_cell.angle_alpha   90.00
_cell.angle_beta   101.29
_cell.angle_gamma   90.00
#
_symmetry.space_group_name_H-M   'P 1 21 1'
#
loop_
_entity.id
_entity.type
_entity.pdbx_description
1 polymer 'Lactoylglutathione lyase'
2 non-polymer 'ZINC ION'
3 non-polymer L-gamma-glutamyl-N-(3-ethynylphenyl)-N-hydroxy-L-glutaminylglycine
4 water water
#
_entity_poly.entity_id   1
_entity_poly.type   'polypeptide(L)'
_entity_poly.pdbx_seq_one_letter_code
;MAEPQPASSGLTDETAFSCCSDPDPSTKDFLLQQTMLRIKDPKKSLDFYTRVLGLTLLQKLDFPAMKFSLYFLAYEDKND
IPKDKSEKTAWTFSRKATLELTHNWGTEDDETQSYHNGNSDPRGFGHIGIAVPDVYSACKRFEELGVKFVKKPDDGKMKG
LAFIQDPDGYWIEILNPNKIATII
;
_entity_poly.pdbx_strand_id   A,B
#
loop_
_chem_comp.id
_chem_comp.type
_chem_comp.name
_chem_comp.formula
ZBF non-polymer L-gamma-glutamyl-N-(3-ethynylphenyl)-N-hydroxy-L-glutaminylglycine 'C20 H24 N4 O8'
ZN non-polymer 'ZINC ION' 'Zn 2'
#
# COMPACT_ATOMS: atom_id res chain seq x y z
N SER A 9 -2.35 8.86 25.21
CA SER A 9 -1.17 8.43 25.98
C SER A 9 0.08 8.43 25.11
N GLY A 10 0.08 7.56 24.11
CA GLY A 10 1.15 7.45 23.14
C GLY A 10 2.37 6.72 23.68
N LEU A 11 2.97 5.89 22.85
CA LEU A 11 4.12 5.10 23.29
C LEU A 11 5.40 5.92 23.36
N THR A 12 6.22 5.66 24.37
CA THR A 12 7.61 6.14 24.35
C THR A 12 8.34 5.40 23.25
N ASP A 13 9.45 5.96 22.78
CA ASP A 13 10.31 5.22 21.85
C ASP A 13 10.70 3.86 22.41
N GLU A 14 11.16 3.83 23.66
CA GLU A 14 11.67 2.61 24.28
C GLU A 14 10.62 1.51 24.32
N THR A 15 9.38 1.87 24.64
CA THR A 15 8.29 0.91 24.64
C THR A 15 8.05 0.36 23.23
N ALA A 16 7.96 1.26 22.25
CA ALA A 16 7.70 0.87 20.87
C ALA A 16 8.74 -0.10 20.32
N PHE A 17 10.02 0.27 20.42
CA PHE A 17 11.08 -0.58 19.88
C PHE A 17 11.21 -1.86 20.69
N SER A 18 10.74 -1.84 21.94
CA SER A 18 10.73 -3.04 22.76
C SER A 18 9.71 -4.05 22.21
N CYS A 19 8.74 -3.56 21.46
CA CYS A 19 7.74 -4.44 20.83
C CYS A 19 8.24 -4.96 19.49
N CYS A 20 9.45 -4.57 19.11
CA CYS A 20 10.00 -4.97 17.83
C CYS A 20 11.00 -6.12 17.94
N SER A 21 10.64 -7.25 17.36
CA SER A 21 11.52 -8.42 17.29
C SER A 21 12.35 -8.40 16.01
N ASP A 22 13.55 -8.95 16.08
CA ASP A 22 14.33 -9.18 14.88
C ASP A 22 13.64 -10.22 14.03
N PRO A 23 13.74 -10.10 12.70
CA PRO A 23 13.01 -10.99 11.79
C PRO A 23 13.41 -12.45 11.95
N ASP A 24 12.41 -13.32 12.00
CA ASP A 24 12.67 -14.75 12.00
C ASP A 24 13.28 -15.09 10.66
N PRO A 25 14.32 -15.93 10.64
CA PRO A 25 15.01 -16.35 9.43
C PRO A 25 14.06 -16.79 8.31
N SER A 26 12.94 -17.40 8.66
CA SER A 26 11.99 -17.86 7.66
C SER A 26 11.31 -16.69 6.93
N THR A 27 11.40 -15.48 7.51
CA THR A 27 10.79 -14.31 6.89
C THR A 27 11.77 -13.40 6.13
N LYS A 28 13.04 -13.78 6.12
CA LYS A 28 14.09 -12.94 5.54
C LYS A 28 13.97 -12.67 4.04
N ASP A 29 13.18 -13.44 3.32
CA ASP A 29 13.03 -13.21 1.88
C ASP A 29 11.67 -12.65 1.53
N PHE A 30 10.85 -12.42 2.55
CA PHE A 30 9.54 -11.79 2.39
C PHE A 30 9.71 -10.39 1.81
N LEU A 31 8.83 -9.99 0.90
CA LEU A 31 8.84 -8.62 0.42
C LEU A 31 7.43 -8.06 0.29
N LEU A 32 7.30 -6.76 0.52
CA LEU A 32 6.02 -6.08 0.45
C LEU A 32 5.73 -5.77 -1.02
N GLN A 33 4.89 -6.61 -1.61
CA GLN A 33 4.78 -6.70 -3.06
C GLN A 33 3.68 -5.80 -3.63
N GLN A 34 2.62 -5.60 -2.86
CA GLN A 34 1.46 -4.89 -3.40
C GLN A 34 0.60 -4.18 -2.37
N THR A 35 -0.10 -3.15 -2.85
CA THR A 35 -1.19 -2.52 -2.13
C THR A 35 -2.39 -2.58 -3.06
N MET A 36 -3.52 -3.05 -2.56
CA MET A 36 -4.70 -3.23 -3.42
C MET A 36 -5.78 -2.21 -3.10
N LEU A 37 -6.30 -1.59 -4.16
CA LEU A 37 -7.39 -0.63 -4.08
C LEU A 37 -8.43 -1.00 -5.11
N ARG A 38 -9.70 -0.90 -4.76
CA ARG A 38 -10.78 -1.16 -5.71
C ARG A 38 -11.06 0.11 -6.51
N ILE A 39 -11.22 -0.04 -7.83
CA ILE A 39 -11.43 1.11 -8.70
C ILE A 39 -12.71 0.97 -9.52
N LYS A 40 -13.47 2.05 -9.56
CA LYS A 40 -14.73 2.09 -10.28
C LYS A 40 -14.57 1.98 -11.79
N ASP A 41 -13.57 2.69 -12.32
CA ASP A 41 -13.43 2.85 -13.76
C ASP A 41 -11.94 2.86 -14.11
N PRO A 42 -11.46 1.72 -14.63
CA PRO A 42 -10.03 1.59 -14.96
C PRO A 42 -9.57 2.49 -16.10
N LYS A 43 -10.50 2.95 -16.94
CA LYS A 43 -10.13 3.88 -18.00
C LYS A 43 -9.61 5.18 -17.37
N LYS A 44 -10.33 5.65 -16.36
CA LYS A 44 -9.96 6.87 -15.65
C LYS A 44 -8.74 6.63 -14.75
N SER A 45 -8.71 5.49 -14.08
CA SER A 45 -7.63 5.17 -13.15
C SER A 45 -6.29 4.97 -13.86
N LEU A 46 -6.29 4.20 -14.95
CA LEU A 46 -5.06 3.96 -15.70
C LEU A 46 -4.50 5.26 -16.27
N ASP A 47 -5.38 6.12 -16.78
CA ASP A 47 -4.95 7.42 -17.29
C ASP A 47 -4.30 8.25 -16.18
N PHE A 48 -4.95 8.27 -15.02
CA PHE A 48 -4.42 9.03 -13.89
C PHE A 48 -3.05 8.54 -13.45
N TYR A 49 -2.93 7.25 -13.15
CA TYR A 49 -1.70 6.73 -12.57
C TYR A 49 -0.51 6.71 -13.53
N THR A 50 -0.78 6.59 -14.83
CA THR A 50 0.30 6.60 -15.81
C THR A 50 0.64 8.03 -16.24
N ARG A 51 -0.37 8.81 -16.64
CA ARG A 51 -0.13 10.17 -17.16
C ARG A 51 0.20 11.18 -16.05
N VAL A 52 -0.58 11.20 -14.99
CA VAL A 52 -0.34 12.16 -13.91
C VAL A 52 0.83 11.76 -13.01
N LEU A 53 0.87 10.49 -12.61
CA LEU A 53 1.84 10.05 -11.60
C LEU A 53 3.04 9.29 -12.17
N GLY A 54 2.94 8.85 -13.42
CA GLY A 54 4.09 8.28 -14.09
C GLY A 54 4.39 6.83 -13.78
N LEU A 55 3.37 6.10 -13.34
CA LEU A 55 3.55 4.68 -13.09
C LEU A 55 3.42 3.93 -14.41
N THR A 56 3.89 2.69 -14.43
CA THR A 56 3.82 1.86 -15.61
C THR A 56 2.87 0.69 -15.36
N LEU A 57 2.04 0.36 -16.35
CA LEU A 57 1.18 -0.81 -16.24
C LEU A 57 2.00 -2.07 -16.49
N LEU A 58 2.17 -2.87 -15.45
CA LEU A 58 2.97 -4.08 -15.56
C LEU A 58 2.17 -5.18 -16.23
N GLN A 59 0.92 -5.33 -15.82
CA GLN A 59 0.13 -6.47 -16.25
C GLN A 59 -1.37 -6.28 -16.00
N LYS A 60 -2.15 -6.83 -16.93
CA LYS A 60 -3.60 -6.83 -16.82
C LYS A 60 -4.03 -8.29 -16.68
N LEU A 61 -4.78 -8.60 -15.64
CA LEU A 61 -5.26 -9.97 -15.45
C LEU A 61 -6.76 -9.98 -15.42
N ASP A 62 -7.37 -10.85 -16.21
CA ASP A 62 -8.82 -10.92 -16.28
C ASP A 62 -9.33 -12.25 -15.77
N PHE A 63 -10.45 -12.20 -15.07
CA PHE A 63 -11.04 -13.37 -14.45
C PHE A 63 -12.53 -13.38 -14.77
N PRO A 64 -12.89 -13.85 -15.98
CA PRO A 64 -14.25 -13.81 -16.52
C PRO A 64 -15.25 -14.55 -15.65
N ALA A 65 -14.87 -15.70 -15.12
CA ALA A 65 -15.74 -16.48 -14.24
C ALA A 65 -16.14 -15.69 -12.99
N MET A 66 -15.20 -14.90 -12.48
CA MET A 66 -15.42 -14.14 -11.25
C MET A 66 -15.78 -12.69 -11.53
N LYS A 67 -15.76 -12.31 -12.80
CA LYS A 67 -16.20 -11.00 -13.27
C LYS A 67 -15.37 -9.85 -12.68
N PHE A 68 -14.05 -9.97 -12.73
CA PHE A 68 -13.20 -8.85 -12.33
C PHE A 68 -11.86 -8.86 -13.04
N SER A 69 -11.21 -7.71 -13.08
CA SER A 69 -9.86 -7.59 -13.63
C SER A 69 -8.92 -6.99 -12.60
N LEU A 70 -7.64 -7.27 -12.79
CA LEU A 70 -6.60 -6.73 -11.91
C LEU A 70 -5.58 -5.97 -12.71
N TYR A 71 -5.29 -4.75 -12.28
CA TYR A 71 -4.28 -3.94 -12.94
C TYR A 71 -3.14 -3.67 -11.97
N PHE A 72 -1.96 -4.17 -12.32
CA PHE A 72 -0.78 -3.98 -11.50
C PHE A 72 0.10 -2.91 -12.12
N LEU A 73 0.27 -1.81 -11.38
CA LEU A 73 1.12 -0.72 -11.81
C LEU A 73 2.29 -0.55 -10.86
N ALA A 74 3.42 -0.09 -11.39
CA ALA A 74 4.59 0.15 -10.56
C ALA A 74 5.53 1.14 -11.23
N TYR A 75 6.46 1.69 -10.45
CA TYR A 75 7.53 2.48 -11.03
C TYR A 75 8.62 1.53 -11.54
N GLU A 76 8.41 1.06 -12.77
CA GLU A 76 9.33 0.14 -13.44
C GLU A 76 9.52 0.55 -14.90
N ASP A 77 10.69 0.29 -15.45
CA ASP A 77 10.92 0.48 -16.88
C ASP A 77 10.10 -0.55 -17.64
N LYS A 78 9.27 -0.09 -18.57
CA LYS A 78 8.43 -1.00 -19.34
C LYS A 78 9.24 -2.02 -20.15
N ASN A 79 10.47 -1.66 -20.50
CA ASN A 79 11.31 -2.53 -21.32
C ASN A 79 11.78 -3.71 -20.50
N ASP A 80 11.65 -3.61 -19.18
CA ASP A 80 11.97 -4.73 -18.30
C ASP A 80 10.84 -5.75 -18.18
N ILE A 81 9.66 -5.39 -18.68
CA ILE A 81 8.50 -6.29 -18.61
C ILE A 81 8.61 -7.45 -19.59
N PRO A 82 8.65 -8.70 -19.07
CA PRO A 82 8.67 -9.87 -19.96
C PRO A 82 7.42 -9.95 -20.83
N LYS A 83 7.59 -10.35 -22.08
CA LYS A 83 6.48 -10.38 -23.03
C LYS A 83 5.62 -11.61 -22.83
N ASP A 84 6.27 -12.75 -22.61
CA ASP A 84 5.55 -14.01 -22.38
C ASP A 84 4.69 -13.92 -21.13
N LYS A 85 3.43 -14.34 -21.25
CA LYS A 85 2.46 -14.23 -20.16
C LYS A 85 2.93 -14.86 -18.85
N SER A 86 3.44 -16.09 -18.92
CA SER A 86 3.85 -16.80 -17.72
C SER A 86 5.08 -16.16 -17.08
N GLU A 87 6.00 -15.69 -17.93
CA GLU A 87 7.20 -15.03 -17.43
C GLU A 87 6.87 -13.64 -16.91
N LYS A 88 5.88 -13.01 -17.55
CA LYS A 88 5.41 -11.70 -17.13
C LYS A 88 4.82 -11.76 -15.73
N THR A 89 3.98 -12.77 -15.50
CA THR A 89 3.30 -12.95 -14.23
C THR A 89 4.29 -13.16 -13.08
N ALA A 90 5.28 -14.01 -13.30
CA ALA A 90 6.28 -14.30 -12.28
C ALA A 90 7.12 -13.07 -11.99
N TRP A 91 7.30 -12.23 -13.00
CA TRP A 91 8.07 -11.00 -12.84
C TRP A 91 7.28 -9.94 -12.08
N THR A 92 6.03 -9.75 -12.49
CA THR A 92 5.14 -8.78 -11.85
C THR A 92 5.00 -9.02 -10.34
N PHE A 93 4.74 -10.28 -9.99
CA PHE A 93 4.48 -10.59 -8.58
C PHE A 93 5.76 -10.72 -7.76
N SER A 94 6.91 -10.51 -8.40
CA SER A 94 8.17 -10.50 -7.68
C SER A 94 8.70 -9.08 -7.53
N ARG A 95 8.00 -8.10 -8.08
CA ARG A 95 8.38 -6.70 -7.93
C ARG A 95 8.00 -6.17 -6.55
N LYS A 96 8.81 -5.28 -6.00
CA LYS A 96 8.43 -4.52 -4.82
C LYS A 96 7.51 -3.36 -5.18
N ALA A 97 6.67 -2.97 -4.23
CA ALA A 97 5.92 -1.71 -4.31
C ALA A 97 5.06 -1.57 -5.55
N THR A 98 4.27 -2.60 -5.86
CA THR A 98 3.30 -2.47 -6.94
C THR A 98 1.99 -1.97 -6.38
N LEU A 99 1.17 -1.43 -7.26
CA LEU A 99 -0.16 -0.97 -6.91
C LEU A 99 -1.14 -1.82 -7.69
N GLU A 100 -1.98 -2.55 -6.97
CA GLU A 100 -2.96 -3.42 -7.59
C GLU A 100 -4.32 -2.75 -7.60
N LEU A 101 -4.82 -2.45 -8.79
CA LEU A 101 -6.14 -1.87 -8.92
C LEU A 101 -7.14 -2.94 -9.33
N THR A 102 -8.19 -3.10 -8.53
CA THR A 102 -9.18 -4.14 -8.72
C THR A 102 -10.44 -3.58 -9.36
N HIS A 103 -10.78 -4.09 -10.53
CA HIS A 103 -11.97 -3.65 -11.23
C HIS A 103 -13.06 -4.71 -11.20
N ASN A 104 -14.10 -4.49 -10.41
CA ASN A 104 -15.27 -5.34 -10.49
C ASN A 104 -16.12 -4.86 -11.65
N TRP A 105 -16.35 -5.75 -12.61
CA TRP A 105 -16.98 -5.35 -13.88
C TRP A 105 -18.34 -4.72 -13.68
N GLY A 106 -18.62 -3.66 -14.44
CA GLY A 106 -19.90 -3.00 -14.37
C GLY A 106 -19.97 -1.76 -13.48
N THR A 107 -19.08 -1.66 -12.51
CA THR A 107 -19.10 -0.52 -11.58
C THR A 107 -19.09 0.83 -12.29
N GLU A 108 -18.37 0.91 -13.42
CA GLU A 108 -18.26 2.16 -14.17
C GLU A 108 -19.61 2.59 -14.77
N ASP A 109 -20.50 1.62 -14.95
CA ASP A 109 -21.81 1.91 -15.54
C ASP A 109 -22.89 2.12 -14.47
N ASP A 110 -22.52 1.94 -13.21
CA ASP A 110 -23.48 2.05 -12.11
C ASP A 110 -23.31 3.39 -11.38
N GLU A 111 -24.23 4.31 -11.63
CA GLU A 111 -24.13 5.66 -11.10
C GLU A 111 -24.40 5.75 -9.60
N THR A 112 -24.90 4.66 -9.01
CA THR A 112 -25.14 4.61 -7.57
C THR A 112 -23.91 4.11 -6.82
N GLN A 113 -22.94 3.58 -7.55
CA GLN A 113 -21.79 2.92 -6.95
C GLN A 113 -20.60 3.86 -6.81
N SER A 114 -19.89 3.72 -5.69
CA SER A 114 -18.62 4.41 -5.49
C SER A 114 -17.86 3.73 -4.35
N TYR A 115 -16.54 3.81 -4.39
CA TYR A 115 -15.73 3.21 -3.35
C TYR A 115 -15.42 4.24 -2.27
N HIS A 116 -15.03 3.77 -1.09
CA HIS A 116 -14.79 4.61 0.07
C HIS A 116 -13.28 4.72 0.32
N ASN A 117 -12.79 5.94 0.58
CA ASN A 117 -11.35 6.16 0.61
C ASN A 117 -10.73 5.98 1.99
N GLY A 118 -11.57 5.72 2.99
CA GLY A 118 -11.09 5.40 4.33
C GLY A 118 -10.75 6.57 5.22
N ASN A 119 -10.90 7.80 4.73
CA ASN A 119 -10.56 8.97 5.54
C ASN A 119 -11.74 9.67 6.17
N SER A 120 -12.94 9.14 5.94
CA SER A 120 -14.12 9.52 6.70
C SER A 120 -14.80 8.27 7.25
N ASP A 121 -15.69 8.45 8.21
CA ASP A 121 -16.48 7.36 8.80
C ASP A 121 -17.07 6.44 7.72
N PRO A 122 -16.76 5.13 7.79
CA PRO A 122 -15.83 4.48 8.73
C PRO A 122 -14.36 4.53 8.26
N ARG A 123 -13.47 5.07 9.10
CA ARG A 123 -12.06 5.19 8.75
C ARG A 123 -11.24 3.91 8.91
N GLY A 124 -10.17 3.83 8.13
CA GLY A 124 -9.21 2.74 8.26
C GLY A 124 -7.98 3.06 7.44
N PHE A 125 -7.93 2.54 6.22
CA PHE A 125 -6.92 2.92 5.25
C PHE A 125 -6.83 4.44 5.14
N GLY A 126 -5.64 4.95 4.91
CA GLY A 126 -5.46 6.38 4.81
C GLY A 126 -5.04 6.84 3.44
N HIS A 127 -3.94 6.30 2.92
CA HIS A 127 -3.40 6.76 1.65
C HIS A 127 -2.20 5.93 1.18
N ILE A 128 -1.85 6.10 -0.09
CA ILE A 128 -0.54 5.71 -0.58
C ILE A 128 0.28 7.00 -0.70
N GLY A 129 1.60 6.86 -0.70
CA GLY A 129 2.46 8.03 -0.72
C GLY A 129 3.56 7.91 -1.76
N ILE A 130 3.78 9.00 -2.49
CA ILE A 130 4.81 9.05 -3.53
C ILE A 130 5.96 9.95 -3.10
N ALA A 131 7.18 9.41 -3.11
CA ALA A 131 8.36 10.23 -2.90
C ALA A 131 8.75 10.91 -4.20
N VAL A 132 8.90 12.24 -4.15
CA VAL A 132 9.23 13.03 -5.32
C VAL A 132 10.44 13.92 -5.03
N PRO A 133 11.16 14.34 -6.09
CA PRO A 133 12.31 15.22 -5.90
C PRO A 133 11.91 16.60 -5.39
N ASP A 134 10.69 17.02 -5.70
CA ASP A 134 10.27 18.38 -5.40
C ASP A 134 8.74 18.44 -5.34
N VAL A 135 8.21 18.56 -4.12
CA VAL A 135 6.77 18.59 -3.91
C VAL A 135 6.11 19.78 -4.61
N TYR A 136 6.74 20.94 -4.53
CA TYR A 136 6.16 22.17 -5.06
C TYR A 136 6.12 22.19 -6.58
N SER A 137 7.19 21.78 -7.24
CA SER A 137 7.17 21.70 -8.69
C SER A 137 6.19 20.62 -9.14
N ALA A 138 6.11 19.53 -8.36
CA ALA A 138 5.20 18.43 -8.70
C ALA A 138 3.74 18.89 -8.60
N CYS A 139 3.42 19.61 -7.53
CA CYS A 139 2.04 20.06 -7.33
C CYS A 139 1.65 21.18 -8.28
N LYS A 140 2.64 21.94 -8.74
CA LYS A 140 2.38 22.99 -9.73
C LYS A 140 1.94 22.33 -11.02
N ARG A 141 2.61 21.25 -11.39
CA ARG A 141 2.24 20.47 -12.57
C ARG A 141 0.87 19.85 -12.38
N PHE A 142 0.66 19.26 -11.21
CA PHE A 142 -0.65 18.68 -10.88
C PHE A 142 -1.76 19.71 -11.03
N GLU A 143 -1.54 20.90 -10.49
N GLU A 143 -1.53 20.92 -10.52
CA GLU A 143 -2.50 22.01 -10.62
CA GLU A 143 -2.51 22.01 -10.61
C GLU A 143 -2.83 22.29 -12.07
C GLU A 143 -2.82 22.35 -12.07
N GLU A 144 -1.79 22.41 -12.90
CA GLU A 144 -1.97 22.65 -14.33
C GLU A 144 -2.75 21.55 -15.03
N LEU A 145 -2.64 20.33 -14.53
CA LEU A 145 -3.31 19.19 -15.16
C LEU A 145 -4.73 19.00 -14.64
N GLY A 146 -5.17 19.87 -13.74
CA GLY A 146 -6.52 19.82 -13.23
C GLY A 146 -6.75 18.83 -12.10
N VAL A 147 -5.67 18.37 -11.49
CA VAL A 147 -5.76 17.35 -10.44
C VAL A 147 -6.48 17.91 -9.22
N LYS A 148 -7.30 17.09 -8.57
CA LYS A 148 -8.02 17.53 -7.38
C LYS A 148 -7.16 17.34 -6.13
N PHE A 149 -7.17 18.36 -5.27
CA PHE A 149 -6.33 18.38 -4.09
C PHE A 149 -7.14 18.19 -2.83
N VAL A 150 -6.61 17.42 -1.89
CA VAL A 150 -7.12 17.39 -0.53
C VAL A 150 -6.35 18.41 0.30
N LYS A 151 -5.05 18.49 0.05
CA LYS A 151 -4.16 19.33 0.83
C LYS A 151 -3.01 19.83 -0.03
N LYS A 152 -3.03 21.11 -0.39
CA LYS A 152 -1.91 21.73 -1.07
C LYS A 152 -0.73 21.85 -0.10
N PRO A 153 0.50 21.91 -0.63
CA PRO A 153 1.72 21.76 0.21
C PRO A 153 1.78 22.65 1.45
N ASP A 154 1.36 23.91 1.33
CA ASP A 154 1.50 24.85 2.45
C ASP A 154 0.21 25.07 3.22
N ASP A 155 -0.83 24.31 2.90
CA ASP A 155 -2.06 24.37 3.67
C ASP A 155 -2.01 23.30 4.77
N GLY A 156 -3.02 23.29 5.64
CA GLY A 156 -3.04 22.35 6.75
C GLY A 156 -1.88 22.49 7.72
N LYS A 157 -1.67 21.45 8.52
CA LYS A 157 -0.73 21.52 9.63
C LYS A 157 0.73 21.27 9.24
N MET A 158 0.95 20.24 8.42
CA MET A 158 2.30 19.87 8.05
C MET A 158 2.69 20.44 6.69
N LYS A 159 3.66 21.35 6.70
CA LYS A 159 4.06 22.07 5.51
C LYS A 159 5.04 21.27 4.68
N GLY A 160 4.89 21.35 3.36
CA GLY A 160 5.84 20.70 2.46
C GLY A 160 5.41 19.32 2.01
N LEU A 161 4.22 18.89 2.42
CA LEU A 161 3.64 17.66 1.90
C LEU A 161 2.24 17.94 1.36
N ALA A 162 1.81 17.14 0.40
CA ALA A 162 0.51 17.35 -0.23
C ALA A 162 -0.31 16.06 -0.28
N PHE A 163 -1.63 16.22 -0.33
CA PHE A 163 -2.52 15.13 -0.68
C PHE A 163 -3.31 15.45 -1.94
N ILE A 164 -3.22 14.57 -2.94
CA ILE A 164 -4.08 14.66 -4.09
C ILE A 164 -5.00 13.46 -4.11
N GLN A 165 -5.98 13.46 -5.01
CA GLN A 165 -6.92 12.33 -5.12
C GLN A 165 -6.89 11.70 -6.51
N ASP A 166 -7.08 10.40 -6.56
CA ASP A 166 -7.22 9.69 -7.82
C ASP A 166 -8.69 9.72 -8.25
N PRO A 167 -9.04 9.13 -9.41
CA PRO A 167 -10.45 9.26 -9.80
C PRO A 167 -11.47 8.63 -8.85
N ASP A 168 -11.05 7.74 -7.97
CA ASP A 168 -11.95 7.17 -6.97
C ASP A 168 -11.95 7.96 -5.67
N GLY A 169 -11.12 8.99 -5.61
CA GLY A 169 -11.04 9.81 -4.41
C GLY A 169 -10.06 9.30 -3.37
N TYR A 170 -9.29 8.27 -3.69
CA TYR A 170 -8.24 7.83 -2.76
C TYR A 170 -7.20 8.92 -2.57
N TRP A 171 -6.75 9.10 -1.33
CA TRP A 171 -5.72 10.09 -1.04
C TRP A 171 -4.36 9.58 -1.48
N ILE A 172 -3.61 10.43 -2.16
CA ILE A 172 -2.24 10.11 -2.52
C ILE A 172 -1.33 11.21 -1.97
N GLU A 173 -0.44 10.83 -1.06
CA GLU A 173 0.48 11.81 -0.49
C GLU A 173 1.64 12.09 -1.45
N ILE A 174 2.06 13.34 -1.48
CA ILE A 174 3.21 13.76 -2.26
C ILE A 174 4.25 14.30 -1.28
N LEU A 175 5.42 13.67 -1.25
CA LEU A 175 6.41 13.98 -0.22
C LEU A 175 7.84 14.01 -0.76
N ASN A 176 8.68 14.81 -0.09
CA ASN A 176 10.09 14.89 -0.40
C ASN A 176 10.86 14.36 0.80
N PRO A 177 11.51 13.20 0.63
CA PRO A 177 12.19 12.52 1.74
C PRO A 177 13.34 13.31 2.35
N ASN A 178 13.91 14.24 1.57
CA ASN A 178 15.02 15.06 2.05
C ASN A 178 14.60 16.38 2.70
N LYS A 179 13.30 16.58 2.89
CA LYS A 179 12.81 17.79 3.52
C LYS A 179 11.66 17.44 4.47
N ILE A 180 12.01 16.73 5.53
CA ILE A 180 11.05 16.26 6.52
C ILE A 180 11.55 16.48 7.93
N SER B 9 -18.56 -7.51 -18.52
CA SER B 9 -17.76 -7.44 -19.74
C SER B 9 -16.30 -7.11 -19.45
N GLY B 10 -16.03 -5.93 -18.89
CA GLY B 10 -14.65 -5.60 -18.58
C GLY B 10 -13.88 -5.13 -19.81
N LEU B 11 -12.85 -4.32 -19.59
CA LEU B 11 -12.08 -3.74 -20.71
C LEU B 11 -11.29 -4.77 -21.47
N THR B 12 -11.26 -4.60 -22.80
CA THR B 12 -10.32 -5.31 -23.64
C THR B 12 -8.90 -4.86 -23.30
N ASP B 13 -7.91 -5.68 -23.66
CA ASP B 13 -6.51 -5.27 -23.56
C ASP B 13 -6.29 -3.97 -24.32
N GLU B 14 -6.87 -3.89 -25.51
CA GLU B 14 -6.68 -2.74 -26.38
C GLU B 14 -7.18 -1.44 -25.77
N THR B 15 -8.36 -1.47 -25.16
CA THR B 15 -8.90 -0.30 -24.50
C THR B 15 -8.03 0.08 -23.32
N ALA B 16 -7.71 -0.91 -22.49
CA ALA B 16 -6.88 -0.71 -21.31
C ALA B 16 -5.51 -0.14 -21.66
N PHE B 17 -4.82 -0.76 -22.61
CA PHE B 17 -3.47 -0.31 -22.94
C PHE B 17 -3.48 1.08 -23.57
N SER B 18 -4.58 1.43 -24.23
CA SER B 18 -4.71 2.74 -24.86
C SER B 18 -4.89 3.88 -23.85
N CYS B 19 -5.34 3.55 -22.63
CA CYS B 19 -5.51 4.54 -21.58
C CYS B 19 -4.23 4.81 -20.80
N CYS B 20 -3.15 4.13 -21.18
CA CYS B 20 -1.87 4.27 -20.49
C CYS B 20 -0.91 5.20 -21.23
N SER B 21 -0.51 6.29 -20.58
CA SER B 21 0.49 7.19 -21.13
C SER B 21 1.90 6.80 -20.67
N ASP B 22 2.90 7.03 -21.52
CA ASP B 22 4.29 6.89 -21.09
C ASP B 22 4.58 7.95 -20.04
N PRO B 23 5.46 7.63 -19.07
CA PRO B 23 5.71 8.56 -17.97
C PRO B 23 6.27 9.89 -18.44
N ASP B 24 5.74 10.98 -17.89
CA ASP B 24 6.29 12.30 -18.15
C ASP B 24 7.66 12.40 -17.48
N PRO B 25 8.63 13.00 -18.20
CA PRO B 25 10.00 13.18 -17.68
C PRO B 25 10.04 13.76 -16.27
N SER B 26 9.07 14.61 -15.93
CA SER B 26 9.00 15.21 -14.60
C SER B 26 8.68 14.19 -13.51
N THR B 27 8.24 13.00 -13.90
CA THR B 27 7.88 11.99 -12.92
C THR B 27 9.06 11.05 -12.70
N LYS B 28 10.20 11.38 -13.30
CA LYS B 28 11.38 10.55 -13.15
C LYS B 28 11.74 10.55 -11.66
N ASP B 29 12.21 9.40 -11.18
CA ASP B 29 12.62 9.19 -9.79
C ASP B 29 11.45 9.19 -8.80
N PHE B 30 10.22 9.32 -9.28
CA PHE B 30 9.06 9.12 -8.41
C PHE B 30 9.10 7.67 -7.94
N LEU B 31 8.82 7.43 -6.66
CA LEU B 31 8.72 6.07 -6.19
C LEU B 31 7.54 5.90 -5.24
N LEU B 32 6.96 4.71 -5.25
CA LEU B 32 5.83 4.40 -4.40
C LEU B 32 6.37 4.03 -3.03
N GLN B 33 6.31 4.98 -2.11
CA GLN B 33 7.10 4.94 -0.89
C GLN B 33 6.37 4.33 0.30
N GLN B 34 5.05 4.50 0.36
CA GLN B 34 4.32 4.09 1.55
C GLN B 34 2.86 3.76 1.34
N THR B 35 2.35 2.91 2.22
CA THR B 35 0.93 2.66 2.35
C THR B 35 0.58 2.94 3.81
N MET B 36 -0.46 3.74 4.05
CA MET B 36 -0.78 4.15 5.41
C MET B 36 -2.04 3.46 5.91
N LEU B 37 -1.95 2.93 7.12
CA LEU B 37 -3.07 2.26 7.79
C LEU B 37 -3.20 2.80 9.20
N ARG B 38 -4.44 3.03 9.64
CA ARG B 38 -4.68 3.46 11.01
C ARG B 38 -4.79 2.25 11.91
N ILE B 39 -4.11 2.32 13.06
CA ILE B 39 -4.06 1.19 13.98
C ILE B 39 -4.55 1.56 15.38
N LYS B 40 -5.38 0.70 15.93
CA LYS B 40 -5.95 0.87 17.27
C LYS B 40 -4.91 0.78 18.38
N ASP B 41 -3.98 -0.17 18.24
CA ASP B 41 -3.07 -0.50 19.34
C ASP B 41 -1.68 -0.83 18.79
N PRO B 42 -0.75 0.13 18.92
CA PRO B 42 0.61 0.00 18.37
C PRO B 42 1.43 -1.11 19.02
N LYS B 43 1.07 -1.51 20.24
CA LYS B 43 1.77 -2.63 20.89
C LYS B 43 1.53 -3.92 20.13
N LYS B 44 0.27 -4.18 19.78
CA LYS B 44 -0.10 -5.39 19.06
C LYS B 44 0.39 -5.34 17.63
N SER B 45 0.28 -4.17 17.01
CA SER B 45 0.64 -4.00 15.62
C SER B 45 2.14 -4.16 15.38
N LEU B 46 2.95 -3.51 16.20
CA LEU B 46 4.41 -3.62 16.05
C LEU B 46 4.87 -5.05 16.29
N ASP B 47 4.28 -5.72 17.26
CA ASP B 47 4.59 -7.12 17.54
C ASP B 47 4.24 -7.97 16.32
N PHE B 48 3.04 -7.75 15.78
CA PHE B 48 2.57 -8.50 14.63
C PHE B 48 3.49 -8.31 13.42
N TYR B 49 3.71 -7.07 13.01
CA TYR B 49 4.45 -6.81 11.78
C TYR B 49 5.94 -7.15 11.87
N THR B 50 6.51 -7.06 13.06
CA THR B 50 7.93 -7.40 13.23
C THR B 50 8.14 -8.90 13.47
N ARG B 51 7.46 -9.44 14.49
CA ARG B 51 7.65 -10.84 14.89
C ARG B 51 6.98 -11.84 13.93
N VAL B 52 5.72 -11.58 13.59
CA VAL B 52 5.01 -12.50 12.71
C VAL B 52 5.46 -12.37 11.26
N LEU B 53 5.54 -11.14 10.76
CA LEU B 53 5.76 -10.91 9.33
C LEU B 53 7.20 -10.56 8.97
N GLY B 54 7.99 -10.20 9.97
CA GLY B 54 9.41 -9.99 9.76
C GLY B 54 9.79 -8.63 9.21
N LEU B 55 8.93 -7.64 9.38
CA LEU B 55 9.25 -6.28 8.96
C LEU B 55 10.12 -5.61 10.01
N THR B 56 10.81 -4.54 9.62
CA THR B 56 11.65 -3.81 10.55
C THR B 56 11.10 -2.40 10.80
N LEU B 57 11.09 -1.99 12.06
CA LEU B 57 10.67 -0.63 12.39
C LEU B 57 11.79 0.34 12.05
N LEU B 58 11.57 1.15 11.02
CA LEU B 58 12.58 2.09 10.54
C LEU B 58 12.65 3.32 11.42
N GLN B 59 11.47 3.84 11.78
CA GLN B 59 11.41 5.12 12.46
C GLN B 59 10.05 5.34 13.11
N LYS B 60 10.08 6.00 14.27
CA LYS B 60 8.89 6.37 15.01
C LYS B 60 8.77 7.89 15.09
N LEU B 61 7.60 8.40 14.71
CA LEU B 61 7.36 9.84 14.76
C LEU B 61 6.17 10.14 15.65
N ASP B 62 6.36 11.09 16.57
CA ASP B 62 5.32 11.50 17.50
C ASP B 62 4.91 12.95 17.26
N PHE B 63 3.63 13.23 17.41
CA PHE B 63 3.09 14.57 17.22
C PHE B 63 2.15 14.86 18.38
N PRO B 64 2.73 15.28 19.51
CA PRO B 64 2.02 15.45 20.79
C PRO B 64 0.85 16.44 20.70
N ALA B 65 1.04 17.54 19.98
CA ALA B 65 0.00 18.55 19.84
C ALA B 65 -1.27 17.95 19.21
N MET B 66 -1.08 17.04 18.27
CA MET B 66 -2.20 16.43 17.56
C MET B 66 -2.52 15.04 18.10
N LYS B 67 -1.71 14.58 19.04
CA LYS B 67 -1.95 13.32 19.74
C LYS B 67 -1.99 12.10 18.84
N PHE B 68 -0.96 11.95 18.01
CA PHE B 68 -0.83 10.72 17.23
C PHE B 68 0.62 10.38 16.96
N SER B 69 0.88 9.10 16.71
CA SER B 69 2.22 8.66 16.36
C SER B 69 2.22 7.96 15.01
N LEU B 70 3.37 7.94 14.38
CA LEU B 70 3.52 7.27 13.09
C LEU B 70 4.65 6.25 13.16
N TYR B 71 4.36 5.04 12.71
CA TYR B 71 5.34 3.97 12.69
C TYR B 71 5.60 3.49 11.27
N PHE B 72 6.84 3.65 10.82
CA PHE B 72 7.23 3.24 9.48
C PHE B 72 8.00 1.93 9.54
N LEU B 73 7.42 0.90 8.93
CA LEU B 73 8.05 -0.41 8.88
C LEU B 73 8.33 -0.79 7.43
N ALA B 74 9.40 -1.58 7.23
CA ALA B 74 9.74 -2.07 5.91
C ALA B 74 10.61 -3.32 6.03
N TYR B 75 10.72 -4.06 4.94
CA TYR B 75 11.69 -5.15 4.88
C TYR B 75 13.06 -4.56 4.57
N GLU B 76 13.74 -4.13 5.64
CA GLU B 76 15.06 -3.53 5.57
C GLU B 76 15.94 -4.09 6.69
N ASP B 77 17.24 -4.13 6.45
CA ASP B 77 18.21 -4.50 7.48
C ASP B 77 18.27 -3.45 8.58
N LYS B 78 18.17 -3.89 9.83
CA LYS B 78 18.23 -2.98 10.97
C LYS B 78 19.52 -2.16 10.97
N ASN B 79 20.59 -2.75 10.44
CA ASN B 79 21.91 -2.12 10.46
C ASN B 79 22.10 -1.02 9.41
N ASP B 80 21.21 -0.97 8.43
CA ASP B 80 21.21 0.10 7.44
C ASP B 80 20.52 1.38 7.92
N ILE B 81 19.84 1.30 9.06
CA ILE B 81 19.15 2.46 9.60
C ILE B 81 20.14 3.46 10.18
N PRO B 82 20.20 4.67 9.61
CA PRO B 82 21.08 5.73 10.12
C PRO B 82 20.72 6.10 11.56
N LYS B 83 21.74 6.37 12.38
CA LYS B 83 21.52 6.68 13.79
C LYS B 83 21.06 8.13 13.94
N ASP B 84 21.71 9.04 13.22
CA ASP B 84 21.37 10.46 13.25
C ASP B 84 19.93 10.68 12.75
N LYS B 85 19.17 11.45 13.52
CA LYS B 85 17.74 11.68 13.26
C LYS B 85 17.46 12.19 11.85
N SER B 86 18.21 13.20 11.42
CA SER B 86 17.99 13.81 10.11
C SER B 86 18.34 12.86 8.98
N GLU B 87 19.40 12.07 9.18
CA GLU B 87 19.82 11.09 8.19
C GLU B 87 18.89 9.89 8.17
N LYS B 88 18.35 9.54 9.34
CA LYS B 88 17.39 8.45 9.47
C LYS B 88 16.11 8.78 8.71
N THR B 89 15.63 10.00 8.90
CA THR B 89 14.40 10.46 8.28
C THR B 89 14.48 10.45 6.76
N ALA B 90 15.57 10.99 6.24
CA ALA B 90 15.76 11.05 4.78
C ALA B 90 15.89 9.65 4.19
N TRP B 91 16.42 8.72 4.99
CA TRP B 91 16.61 7.35 4.56
C TRP B 91 15.29 6.57 4.57
N THR B 92 14.55 6.71 5.68
CA THR B 92 13.25 6.04 5.84
C THR B 92 12.31 6.37 4.70
N PHE B 93 12.18 7.66 4.42
CA PHE B 93 11.22 8.15 3.43
C PHE B 93 11.71 8.01 2.00
N SER B 94 12.91 7.45 1.82
CA SER B 94 13.43 7.19 0.48
C SER B 94 13.37 5.70 0.15
N ARG B 95 12.91 4.91 1.10
CA ARG B 95 12.76 3.47 0.89
C ARG B 95 11.50 3.19 0.08
N LYS B 96 11.56 2.18 -0.77
CA LYS B 96 10.36 1.67 -1.44
C LYS B 96 9.57 0.77 -0.51
N ALA B 97 8.25 0.72 -0.72
CA ALA B 97 7.37 -0.27 -0.08
C ALA B 97 7.44 -0.27 1.44
N THR B 98 7.31 0.91 2.04
CA THR B 98 7.18 0.99 3.49
C THR B 98 5.72 0.94 3.94
N LEU B 99 5.52 0.57 5.20
CA LEU B 99 4.19 0.55 5.77
C LEU B 99 4.10 1.54 6.92
N GLU B 100 3.21 2.53 6.78
CA GLU B 100 3.03 3.54 7.81
C GLU B 100 1.81 3.24 8.66
N LEU B 101 2.02 2.97 9.94
CA LEU B 101 0.92 2.73 10.86
C LEU B 101 0.64 3.98 11.69
N THR B 102 -0.61 4.44 11.63
CA THR B 102 -1.00 5.67 12.29
C THR B 102 -1.76 5.36 13.58
N HIS B 103 -1.21 5.79 14.71
CA HIS B 103 -1.86 5.58 15.99
C HIS B 103 -2.40 6.87 16.56
N ASN B 104 -3.73 7.00 16.55
CA ASN B 104 -4.38 8.11 17.23
C ASN B 104 -4.51 7.76 18.70
N TRP B 105 -3.91 8.58 19.57
CA TRP B 105 -3.80 8.26 20.99
C TRP B 105 -5.17 8.04 21.64
N GLY B 106 -5.25 7.04 22.52
CA GLY B 106 -6.48 6.76 23.22
C GLY B 106 -7.35 5.65 22.64
N THR B 107 -7.22 5.40 21.34
CA THR B 107 -8.01 4.37 20.67
C THR B 107 -7.92 2.99 21.34
N GLU B 108 -6.74 2.66 21.85
CA GLU B 108 -6.52 1.35 22.48
C GLU B 108 -7.34 1.18 23.75
N ASP B 109 -7.74 2.28 24.37
CA ASP B 109 -8.50 2.24 25.63
C ASP B 109 -10.00 2.34 25.39
N ASP B 110 -10.41 2.53 24.14
CA ASP B 110 -11.82 2.71 23.80
C ASP B 110 -12.39 1.43 23.21
N GLU B 111 -13.18 0.71 24.01
CA GLU B 111 -13.70 -0.59 23.60
C GLU B 111 -14.77 -0.50 22.52
N THR B 112 -15.28 0.72 22.28
CA THR B 112 -16.27 0.92 21.23
C THR B 112 -15.62 1.20 19.88
N GLN B 113 -14.33 1.49 19.90
CA GLN B 113 -13.63 1.95 18.71
C GLN B 113 -12.99 0.80 17.95
N SER B 114 -13.09 0.84 16.63
CA SER B 114 -12.37 -0.07 15.75
C SER B 114 -12.35 0.52 14.35
N TYR B 115 -11.30 0.18 13.60
CA TYR B 115 -11.16 0.69 12.25
C TYR B 115 -11.79 -0.28 11.26
N HIS B 116 -12.06 0.21 10.06
CA HIS B 116 -12.74 -0.58 9.04
C HIS B 116 -11.73 -1.00 7.97
N ASN B 117 -11.76 -2.27 7.57
CA ASN B 117 -10.69 -2.80 6.72
C ASN B 117 -10.96 -2.65 5.22
N GLY B 118 -12.13 -2.13 4.88
CA GLY B 118 -12.43 -1.82 3.49
C GLY B 118 -12.92 -3.00 2.67
N ASN B 119 -13.05 -4.16 3.31
CA ASN B 119 -13.50 -5.35 2.63
C ASN B 119 -14.97 -5.67 2.89
N SER B 120 -15.64 -4.82 3.64
CA SER B 120 -17.11 -4.83 3.68
C SER B 120 -17.64 -3.43 3.44
N ASP B 121 -18.92 -3.33 3.11
CA ASP B 121 -19.58 -2.04 2.90
C ASP B 121 -19.28 -1.03 4.02
N PRO B 122 -18.78 0.16 3.65
CA PRO B 122 -18.39 0.56 2.29
C PRO B 122 -16.98 0.10 1.92
N ARG B 123 -16.86 -0.61 0.81
CA ARG B 123 -15.58 -1.15 0.37
C ARG B 123 -14.70 -0.09 -0.30
N GLY B 124 -13.39 -0.33 -0.27
CA GLY B 124 -12.44 0.51 -0.97
C GLY B 124 -11.10 -0.20 -1.00
N PHE B 125 -10.24 0.18 -0.05
CA PHE B 125 -8.98 -0.53 0.18
C PHE B 125 -9.25 -2.02 0.36
N GLY B 126 -8.32 -2.85 -0.11
CA GLY B 126 -8.50 -4.28 0.01
C GLY B 126 -7.46 -4.92 0.92
N HIS B 127 -6.19 -4.74 0.59
CA HIS B 127 -5.15 -5.43 1.33
C HIS B 127 -3.76 -4.97 0.93
N ILE B 128 -2.78 -5.35 1.76
CA ILE B 128 -1.38 -5.34 1.35
C ILE B 128 -1.02 -6.80 1.09
N GLY B 129 0.00 -7.02 0.27
CA GLY B 129 0.36 -8.38 -0.09
C GLY B 129 1.84 -8.66 0.07
N ILE B 130 2.13 -9.82 0.65
CA ILE B 130 3.51 -10.23 0.89
C ILE B 130 3.86 -11.39 -0.03
N ALA B 131 4.92 -11.21 -0.81
CA ALA B 131 5.47 -12.27 -1.62
C ALA B 131 6.39 -13.14 -0.76
N VAL B 132 6.14 -14.44 -0.75
CA VAL B 132 6.90 -15.37 0.07
C VAL B 132 7.43 -16.53 -0.78
N PRO B 133 8.50 -17.19 -0.31
CA PRO B 133 9.05 -18.34 -1.04
C PRO B 133 8.12 -19.53 -1.05
N ASP B 134 7.28 -19.63 -0.03
CA ASP B 134 6.41 -20.78 0.15
C ASP B 134 5.21 -20.40 1.03
N VAL B 135 4.05 -20.28 0.40
CA VAL B 135 2.82 -19.89 1.08
C VAL B 135 2.42 -20.89 2.17
N TYR B 136 2.57 -22.17 1.87
CA TYR B 136 2.14 -23.21 2.80
C TYR B 136 3.01 -23.26 4.05
N SER B 137 4.33 -23.18 3.88
CA SER B 137 5.21 -23.17 5.05
C SER B 137 5.01 -21.88 5.85
N ALA B 138 4.77 -20.77 5.15
CA ALA B 138 4.56 -19.49 5.82
C ALA B 138 3.29 -19.51 6.65
N CYS B 139 2.22 -20.08 6.09
CA CYS B 139 0.93 -20.12 6.78
C CYS B 139 0.92 -21.15 7.91
N LYS B 140 1.76 -22.18 7.80
CA LYS B 140 1.86 -23.16 8.87
C LYS B 140 2.46 -22.51 10.11
N ARG B 141 3.48 -21.68 9.89
CA ARG B 141 4.11 -20.93 10.96
C ARG B 141 3.12 -19.92 11.55
N PHE B 142 2.41 -19.21 10.67
CA PHE B 142 1.38 -18.27 11.11
C PHE B 142 0.35 -18.96 12.01
N GLU B 143 -0.15 -20.11 11.58
CA GLU B 143 -1.08 -20.89 12.39
C GLU B 143 -0.48 -21.19 13.76
N GLU B 144 0.75 -21.67 13.75
CA GLU B 144 1.49 -22.03 14.96
C GLU B 144 1.66 -20.83 15.89
N LEU B 145 1.73 -19.63 15.33
CA LEU B 145 1.92 -18.42 16.12
C LEU B 145 0.60 -17.80 16.58
N GLY B 146 -0.51 -18.45 16.25
CA GLY B 146 -1.82 -17.98 16.67
C GLY B 146 -2.43 -16.90 15.78
N VAL B 147 -1.91 -16.77 14.56
CA VAL B 147 -2.38 -15.75 13.63
C VAL B 147 -3.81 -16.05 13.18
N LYS B 148 -4.64 -15.02 13.07
CA LYS B 148 -6.02 -15.20 12.59
C LYS B 148 -6.05 -15.12 11.07
N PHE B 149 -6.82 -16.03 10.47
CA PHE B 149 -6.90 -16.18 9.01
C PHE B 149 -8.24 -15.69 8.49
N VAL B 150 -8.23 -15.06 7.31
CA VAL B 150 -9.46 -14.82 6.57
C VAL B 150 -9.67 -15.99 5.62
N LYS B 151 -8.56 -16.43 5.03
CA LYS B 151 -8.56 -17.44 3.99
C LYS B 151 -7.29 -18.27 4.01
N LYS B 152 -7.39 -19.50 4.46
CA LYS B 152 -6.25 -20.42 4.39
C LYS B 152 -5.97 -20.74 2.93
N PRO B 153 -4.71 -21.12 2.61
CA PRO B 153 -4.26 -21.20 1.21
C PRO B 153 -5.18 -21.96 0.25
N ASP B 154 -5.74 -23.09 0.67
CA ASP B 154 -6.55 -23.92 -0.24
C ASP B 154 -8.06 -23.74 -0.08
N ASP B 155 -8.48 -22.78 0.73
CA ASP B 155 -9.88 -22.43 0.85
C ASP B 155 -10.24 -21.28 -0.10
N GLY B 156 -11.51 -20.89 -0.12
CA GLY B 156 -11.96 -19.83 -1.00
C GLY B 156 -11.79 -20.14 -2.48
N LYS B 157 -11.83 -19.11 -3.31
CA LYS B 157 -11.86 -19.33 -4.75
C LYS B 157 -10.47 -19.54 -5.37
N MET B 158 -9.49 -18.74 -4.96
CA MET B 158 -8.15 -18.88 -5.52
C MET B 158 -7.21 -19.67 -4.61
N LYS B 159 -6.80 -20.84 -5.08
CA LYS B 159 -6.00 -21.76 -4.29
C LYS B 159 -4.53 -21.38 -4.36
N GLY B 160 -3.83 -21.49 -3.24
CA GLY B 160 -2.40 -21.25 -3.21
C GLY B 160 -2.00 -19.84 -2.79
N LEU B 161 -2.99 -19.03 -2.44
CA LEU B 161 -2.74 -17.74 -1.82
C LEU B 161 -3.56 -17.69 -0.55
N ALA B 162 -3.11 -16.91 0.43
CA ALA B 162 -3.82 -16.83 1.69
C ALA B 162 -4.06 -15.39 2.10
N PHE B 163 -5.10 -15.20 2.91
CA PHE B 163 -5.29 -13.93 3.59
C PHE B 163 -5.23 -14.14 5.10
N ILE B 164 -4.37 -13.37 5.75
CA ILE B 164 -4.36 -13.32 7.21
C ILE B 164 -4.81 -11.93 7.63
N GLN B 165 -5.00 -11.76 8.93
CA GLN B 165 -5.45 -10.49 9.49
C GLN B 165 -4.40 -9.95 10.44
N ASP B 166 -4.25 -8.64 10.46
CA ASP B 166 -3.38 -7.99 11.45
C ASP B 166 -4.25 -7.69 12.68
N PRO B 167 -3.68 -7.09 13.75
CA PRO B 167 -4.53 -6.89 14.93
C PRO B 167 -5.73 -5.98 14.71
N ASP B 168 -5.73 -5.18 13.65
CA ASP B 168 -6.90 -4.34 13.34
C ASP B 168 -7.87 -5.02 12.39
N GLY B 169 -7.54 -6.22 11.92
CA GLY B 169 -8.39 -6.94 11.00
C GLY B 169 -8.15 -6.61 9.53
N TYR B 170 -7.12 -5.82 9.24
CA TYR B 170 -6.73 -5.58 7.86
C TYR B 170 -6.27 -6.87 7.18
N TRP B 171 -6.65 -7.06 5.92
CA TRP B 171 -6.24 -8.23 5.17
C TRP B 171 -4.81 -8.11 4.69
N ILE B 172 -4.04 -9.17 4.90
CA ILE B 172 -2.70 -9.25 4.36
C ILE B 172 -2.61 -10.51 3.49
N GLU B 173 -2.37 -10.32 2.21
CA GLU B 173 -2.26 -11.46 1.31
C GLU B 173 -0.89 -12.11 1.41
N ILE B 174 -0.88 -13.43 1.31
CA ILE B 174 0.35 -14.20 1.27
C ILE B 174 0.39 -14.92 -0.07
N LEU B 175 1.42 -14.63 -0.87
CA LEU B 175 1.47 -15.12 -2.23
C LEU B 175 2.87 -15.56 -2.62
N ASN B 176 2.95 -16.52 -3.53
CA ASN B 176 4.23 -17.00 -4.06
C ASN B 176 4.28 -16.71 -5.56
N PRO B 177 5.17 -15.79 -5.97
CA PRO B 177 5.26 -15.37 -7.37
C PRO B 177 5.65 -16.51 -8.31
N ASN B 178 6.32 -17.54 -7.77
CA ASN B 178 6.69 -18.69 -8.58
C ASN B 178 5.66 -19.82 -8.55
N LYS B 179 4.57 -19.60 -7.80
CA LYS B 179 3.48 -20.57 -7.71
C LYS B 179 2.16 -19.83 -7.66
N ILE B 180 1.80 -19.20 -8.77
CA ILE B 180 0.59 -18.39 -8.87
C ILE B 180 -0.66 -19.16 -8.47
N ALA B 181 -1.60 -18.45 -7.84
CA ALA B 181 -2.88 -19.02 -7.43
C ALA B 181 -3.67 -19.64 -8.58
N THR B 182 -4.47 -20.65 -8.25
CA THR B 182 -5.34 -21.36 -9.18
C THR B 182 -4.73 -21.60 -10.56
ZN ZN C . -3.85 -8.54 -4.26
O7 ZBF D . 1.10 10.65 6.36
C ZBF D . 1.97 11.31 6.78
N ZBF D . 3.21 11.17 6.29
C12 ZBF D . 4.26 11.88 6.78
C19 ZBF D . 4.67 11.85 8.07
C18 ZBF D . 5.74 12.64 8.38
C17 ZBF D . 6.37 13.42 7.48
C14 ZBF D . 5.95 13.42 6.16
C15 ZBF D . 6.50 14.19 5.22
C16 ZBF D . 6.89 14.79 4.36
C13 ZBF D . 4.91 12.65 5.85
O ZBF D . 3.58 10.29 5.31
C1 ZBF D . 1.62 12.36 7.81
C2 ZBF D . 0.30 12.95 7.36
C3 ZBF D . -0.62 13.38 8.48
C9 ZBF D . -1.72 14.24 7.87
O6 ZBF D . -2.67 13.74 7.32
N3 ZBF D . -1.55 15.54 8.01
C10 ZBF D . -2.37 16.52 7.33
C11 ZBF D . -1.84 17.92 7.46
O5 ZBF D . -0.77 18.17 7.81
O4 ZBF D . -2.69 18.79 7.17
N1 ZBF D . -1.15 12.25 9.21
C4 ZBF D . -1.97 12.40 10.24
O3 ZBF D . -2.34 13.49 10.64
C5 ZBF D . -2.46 11.13 10.88
C6 ZBF D . -3.35 11.38 12.08
C7 ZBF D . -4.79 11.70 11.68
N2 ZBF D . -5.62 11.99 12.84
C8 ZBF D . -5.48 10.54 10.93
O2 ZBF D . -5.45 10.49 9.81
O1 ZBF D . -6.07 9.73 11.63
ZN ZN E . 1.75 8.88 5.07
O7 ZBF F . -5.60 -9.86 -5.02
C ZBF F . -5.28 -10.87 -5.55
N ZBF F . -3.98 -11.05 -5.88
C12 ZBF F . -3.52 -11.96 -6.75
C19 ZBF F . -3.97 -12.05 -7.94
C18 ZBF F . -3.52 -13.07 -8.69
C17 ZBF F . -2.63 -13.96 -8.25
C14 ZBF F . -2.13 -13.86 -7.05
C15 ZBF F . -1.19 -14.68 -6.56
C16 ZBF F . -0.40 -15.32 -6.06
C13 ZBF F . -2.59 -12.86 -6.30
O ZBF F . -3.00 -10.35 -5.26
C1 ZBF F . -6.36 -11.89 -5.75
C2 ZBF F . -7.25 -11.95 -4.55
C3 ZBF F . -8.73 -12.01 -4.88
C9 ZBF F . -9.52 -12.56 -3.70
O6 ZBF F . -9.95 -11.82 -2.82
N3 ZBF F . -9.68 -13.87 -3.68
C10 ZBF F . -9.70 -14.61 -2.45
C11 ZBF F . -10.22 -16.01 -2.61
O5 ZBF F . -11.23 -16.46 -2.12
O4 ZBF F . -9.44 -16.67 -3.30
N1 ZBF F . -9.24 -10.74 -5.34
C4 ZBF F . -10.46 -10.63 -5.84
O3 ZBF F . -11.23 -11.57 -5.87
C5 ZBF F . -10.82 -9.29 -6.40
C6 ZBF F . -12.30 -8.98 -6.65
C7 ZBF F . -13.17 -8.90 -5.41
N2 ZBF F . -14.60 -8.90 -5.72
C8 ZBF F . -13.01 -7.60 -4.65
O2 ZBF F . -13.70 -6.70 -4.74
O1 ZBF F . -12.05 -7.64 -3.93
#